data_1FQP
#
_entry.id   1FQP
#
_cell.length_a   1.000
_cell.length_b   1.000
_cell.length_c   1.000
_cell.angle_alpha   90.00
_cell.angle_beta   90.00
_cell.angle_gamma   90.00
#
_symmetry.space_group_name_H-M   'P 1'
#
_entity_poly.entity_id   1
_entity_poly.type   'polydeoxyribonucleotide'
_entity_poly.pdbx_seq_one_letter_code
;(DG)(DG)(DG)(DT)(DT)(DT)(DT)(DG)(DG)(DG)
;
_entity_poly.pdbx_strand_id   A,B
#